data_4II0
#
_entry.id   4II0
#
_cell.length_a   95.585
_cell.length_b   76.279
_cell.length_c   62.335
_cell.angle_alpha   90.00
_cell.angle_beta   120.08
_cell.angle_gamma   90.00
#
_symmetry.space_group_name_H-M   'C 1 2 1'
#
loop_
_entity.id
_entity.type
_entity.pdbx_description
1 polymer CrataBL
2 branched alpha-L-fucopyranose-(1-3)-[2-acetamido-2-deoxy-beta-D-glucopyranose-(1-4)]2-acetamido-2-deoxy-beta-D-glucopyranose
3 non-polymer 'SULFATE ION'
4 non-polymer GLYCEROL
5 non-polymer 2-acetamido-2-deoxy-beta-D-glucopyranose
6 water water
#
_entity_poly.entity_id   1
_entity_poly.type   'polypeptide(L)'
_entity_poly.pdbx_seq_one_letter_code
;AILTGVPYYILPSTSRAGFSPDNLRKNTSQPSCPLDLITQLRFPPRIGVPVIFTPQNSSLKVVPLSHNLNIHT(CSX)SD
LWFCPESKIWTVKSSSIHRGLVVTTGGTFRSLGSWFRIERHGDSYKLVHCPRGSTPCRDVGIETVGGGGRRYLAPRDRPL
AVRFTRASG
;
_entity_poly.pdbx_strand_id   A,B
#
# COMPACT_ATOMS: atom_id res chain seq x y z
N ALA A 1 18.53 -14.05 17.07
CA ALA A 1 17.54 -14.48 16.04
C ALA A 1 16.55 -13.36 15.71
N ILE A 2 16.16 -13.29 14.43
CA ILE A 2 15.11 -12.37 14.04
C ILE A 2 13.77 -13.09 14.05
N LEU A 3 12.83 -12.49 14.75
CA LEU A 3 11.51 -13.08 14.87
C LEU A 3 10.56 -12.54 13.79
N THR A 4 9.87 -13.44 13.11
CA THR A 4 8.80 -13.04 12.18
C THR A 4 7.82 -12.08 12.84
N GLY A 5 7.45 -11.01 12.16
CA GLY A 5 6.35 -10.17 12.64
C GLY A 5 6.76 -9.08 13.60
N VAL A 6 8.00 -9.13 14.07
CA VAL A 6 8.50 -8.18 15.06
C VAL A 6 9.31 -7.07 14.35
N PRO A 7 9.12 -5.79 14.76
CA PRO A 7 9.86 -4.68 14.14
C PRO A 7 11.36 -4.60 14.54
N TYR A 8 12.23 -4.41 13.54
CA TYR A 8 13.70 -4.26 13.71
C TYR A 8 14.18 -3.10 12.91
N TYR A 9 15.12 -2.31 13.44
CA TYR A 9 15.85 -1.38 12.56
C TYR A 9 16.92 -2.11 11.77
N ILE A 10 17.00 -1.82 10.46
CA ILE A 10 18.18 -2.21 9.66
C ILE A 10 19.24 -1.12 9.80
N LEU A 11 20.47 -1.51 10.17
CA LEU A 11 21.53 -0.51 10.38
C LEU A 11 22.77 -1.07 9.71
N PRO A 12 23.60 -0.21 9.12
CA PRO A 12 24.89 -0.62 8.61
C PRO A 12 25.64 -1.21 9.82
N SER A 13 26.41 -2.27 9.60
CA SER A 13 27.12 -2.93 10.71
C SER A 13 28.08 -2.07 11.50
N THR A 14 28.63 -1.03 10.86
CA THR A 14 29.57 -0.16 11.58
C THR A 14 29.07 1.28 11.79
N SER A 15 27.80 1.55 11.48
CA SER A 15 27.27 2.93 11.58
C SER A 15 25.99 3.08 12.41
N ARG A 16 25.68 4.31 12.88
CA ARG A 16 24.40 4.61 13.51
C ARG A 16 23.39 5.27 12.55
N ALA A 17 23.74 5.42 11.29
CA ALA A 17 22.83 6.06 10.32
C ALA A 17 21.96 5.00 9.66
N GLY A 18 20.70 4.95 10.08
CA GLY A 18 19.73 4.00 9.58
C GLY A 18 18.96 4.54 8.39
N PHE A 19 17.81 3.92 8.16
CA PHE A 19 17.09 4.08 6.86
C PHE A 19 15.62 4.44 7.06
N SER A 20 15.07 5.27 6.15
CA SER A 20 13.62 5.55 6.11
C SER A 20 13.18 5.59 4.64
N PRO A 21 11.98 5.05 4.33
CA PRO A 21 11.30 5.34 3.05
C PRO A 21 11.28 6.86 2.87
N ASP A 22 11.47 7.34 1.64
CA ASP A 22 11.50 8.80 1.44
C ASP A 22 10.25 9.50 1.86
N ASN A 23 9.10 8.85 1.68
CA ASN A 23 7.84 9.57 1.95
C ASN A 23 7.73 9.98 3.42
N LEU A 24 8.29 9.16 4.30
CA LEU A 24 8.30 9.44 5.73
C LEU A 24 9.30 10.50 6.08
N ARG A 25 10.40 10.54 5.36
CA ARG A 25 11.35 11.62 5.56
C ARG A 25 10.72 12.94 5.16
N LYS A 26 10.01 12.98 4.04
CA LYS A 26 9.38 14.23 3.62
C LYS A 26 8.21 14.59 4.52
N ASN A 27 7.51 13.59 5.04
CA ASN A 27 6.44 13.83 5.99
C ASN A 27 5.32 14.73 5.46
N THR A 28 5.08 14.64 4.16
CA THR A 28 4.00 15.37 3.54
C THR A 28 3.22 14.49 2.55
N SER A 29 1.91 14.70 2.50
CA SER A 29 1.07 13.89 1.62
C SER A 29 1.57 13.89 0.16
N GLN A 30 1.55 12.72 -0.49
CA GLN A 30 1.98 12.58 -1.91
C GLN A 30 0.82 12.11 -2.80
N PRO A 31 0.73 12.64 -4.05
CA PRO A 31 -0.34 12.14 -4.96
C PRO A 31 -0.08 10.72 -5.46
N SER A 32 1.19 10.39 -5.66
CA SER A 32 1.59 9.02 -5.95
C SER A 32 3.09 8.96 -5.59
N CYS A 33 3.63 7.75 -5.54
CA CYS A 33 5.03 7.53 -5.17
C CYS A 33 5.53 6.45 -6.10
N PRO A 34 5.83 6.80 -7.36
CA PRO A 34 6.31 5.79 -8.34
C PRO A 34 7.67 5.19 -7.96
N LEU A 35 8.43 5.91 -7.15
CA LEU A 35 9.74 5.44 -6.71
C LEU A 35 10.09 5.97 -5.32
N ASP A 36 9.49 5.35 -4.31
CA ASP A 36 9.73 5.72 -2.92
C ASP A 36 10.98 4.96 -2.38
N LEU A 37 12.15 5.56 -2.53
CA LEU A 37 13.41 4.92 -2.13
C LEU A 37 13.57 4.77 -0.61
N ILE A 38 14.54 3.94 -0.20
CA ILE A 38 14.85 3.77 1.21
C ILE A 38 16.16 4.52 1.37
N THR A 39 16.10 5.69 2.00
CA THR A 39 17.25 6.57 2.07
C THR A 39 17.93 6.61 3.45
N GLN A 40 19.22 6.87 3.47
CA GLN A 40 19.94 6.79 4.74
C GLN A 40 19.86 8.14 5.44
N LEU A 41 19.68 8.07 6.77
CA LEU A 41 19.58 9.28 7.60
C LEU A 41 20.96 9.59 8.20
N ARG A 42 21.61 10.66 7.71
CA ARG A 42 23.05 10.86 7.90
C ARG A 42 23.42 12.14 8.64
N PHE A 43 22.52 13.11 8.61
CA PHE A 43 22.90 14.42 9.18
C PHE A 43 21.95 15.03 10.21
N PRO A 44 22.08 14.62 11.50
CA PRO A 44 23.06 13.68 12.04
C PRO A 44 22.57 12.24 11.80
N PRO A 45 23.39 11.23 12.15
CA PRO A 45 22.91 9.83 12.06
C PRO A 45 21.69 9.56 12.95
N ARG A 46 20.65 8.91 12.39
CA ARG A 46 19.38 8.62 13.12
C ARG A 46 19.02 7.20 12.83
N ILE A 47 18.40 6.52 13.81
CA ILE A 47 18.12 5.09 13.66
C ILE A 47 17.12 4.72 12.54
N GLY A 48 16.33 5.71 12.13
CA GLY A 48 15.34 5.53 11.05
C GLY A 48 14.01 4.94 11.47
N VAL A 49 13.49 4.05 10.62
CA VAL A 49 12.13 3.52 10.73
C VAL A 49 12.22 2.01 10.67
N PRO A 50 11.61 1.28 11.64
CA PRO A 50 11.71 -0.19 11.62
C PRO A 50 11.01 -0.87 10.45
N VAL A 51 11.40 -2.13 10.19
CA VAL A 51 10.76 -2.97 9.24
C VAL A 51 10.32 -4.23 9.94
N ILE A 52 9.47 -5.01 9.27
CA ILE A 52 9.09 -6.35 9.72
C ILE A 52 9.39 -7.35 8.60
N PHE A 53 9.92 -8.49 9.00
CA PHE A 53 10.24 -9.60 8.09
C PHE A 53 9.16 -10.68 8.11
N THR A 54 8.71 -11.11 6.93
CA THR A 54 7.71 -12.19 6.84
C THR A 54 8.21 -13.28 5.90
N PRO A 55 8.61 -14.44 6.47
CA PRO A 55 9.10 -15.52 5.65
C PRO A 55 8.01 -16.05 4.70
N GLN A 56 8.46 -16.53 3.54
CA GLN A 56 7.57 -17.14 2.57
C GLN A 56 6.84 -18.35 3.17
N ASN A 57 7.52 -19.02 4.08
CA ASN A 57 6.93 -20.10 4.85
C ASN A 57 6.29 -19.46 6.05
N SER A 58 4.97 -19.39 6.01
CA SER A 58 4.18 -18.68 7.00
C SER A 58 4.08 -19.45 8.33
N SER A 59 4.54 -20.71 8.33
CA SER A 59 4.66 -21.51 9.57
C SER A 59 5.76 -20.95 10.48
N LEU A 60 6.75 -20.29 9.88
CA LEU A 60 7.99 -19.98 10.57
C LEU A 60 7.88 -18.81 11.56
N LYS A 61 8.24 -19.08 12.82
CA LYS A 61 8.20 -18.03 13.85
C LYS A 61 9.54 -17.30 13.94
N VAL A 62 10.61 -17.95 13.50
CA VAL A 62 11.96 -17.38 13.50
C VAL A 62 12.33 -17.23 12.02
N VAL A 63 12.88 -16.07 11.68
CA VAL A 63 13.23 -15.82 10.27
C VAL A 63 14.51 -16.61 9.93
N PRO A 64 14.45 -17.51 8.93
CA PRO A 64 15.66 -18.24 8.59
C PRO A 64 16.53 -17.45 7.60
N LEU A 65 17.80 -17.81 7.55
CA LEU A 65 18.75 -17.18 6.61
C LEU A 65 18.58 -17.87 5.27
N SER A 66 18.86 -17.16 4.17
CA SER A 66 18.90 -17.76 2.85
C SER A 66 17.58 -18.28 2.39
N HIS A 67 16.48 -17.76 2.94
CA HIS A 67 15.15 -18.10 2.46
C HIS A 67 14.31 -16.88 2.17
N ASN A 68 13.47 -17.02 1.15
CA ASN A 68 12.62 -15.93 0.65
C ASN A 68 11.79 -15.32 1.76
N LEU A 69 11.81 -13.98 1.87
CA LEU A 69 10.93 -13.34 2.79
C LEU A 69 10.47 -11.99 2.19
N ASN A 70 9.43 -11.42 2.78
CA ASN A 70 9.07 -10.02 2.45
C ASN A 70 9.49 -9.12 3.57
N ILE A 71 9.66 -7.88 3.18
CA ILE A 71 10.00 -6.83 4.14
C ILE A 71 8.95 -5.76 4.01
N HIS A 72 8.50 -5.18 5.15
CA HIS A 72 7.68 -3.99 5.02
C HIS A 72 8.00 -3.02 6.09
N THR A 73 7.84 -1.75 5.79
CA THR A 73 8.00 -0.71 6.80
C THR A 73 6.89 -0.75 7.87
N SER A 75 5.10 1.55 10.31
CA SER A 75 4.82 2.95 10.53
C SER A 75 3.30 3.13 10.51
N ASP A 76 2.76 3.88 11.46
CA ASP A 76 1.35 4.25 11.46
C ASP A 76 1.06 5.42 10.53
N LEU A 77 2.07 6.28 10.31
CA LEU A 77 1.99 7.33 9.29
C LEU A 77 2.38 6.73 7.95
N TRP A 78 1.74 7.20 6.89
CA TRP A 78 2.13 6.73 5.56
C TRP A 78 1.57 7.70 4.55
N PHE A 79 2.44 8.27 3.73
CA PHE A 79 2.07 9.41 2.90
C PHE A 79 1.93 9.03 1.40
N CYS A 80 2.05 7.74 1.06
CA CYS A 80 1.87 7.27 -0.33
C CYS A 80 0.54 6.50 -0.45
N PRO A 81 -0.12 6.51 -1.61
CA PRO A 81 -1.28 5.60 -1.78
C PRO A 81 -0.82 4.14 -1.89
N GLU A 82 0.42 3.92 -2.31
CA GLU A 82 0.96 2.58 -2.49
C GLU A 82 1.31 1.94 -1.12
N SER A 83 1.60 0.65 -1.10
CA SER A 83 1.89 -0.05 0.14
C SER A 83 3.25 0.27 0.79
N LYS A 84 3.44 -0.32 1.96
CA LYS A 84 4.70 -0.28 2.71
C LYS A 84 5.68 -1.38 2.41
N ILE A 85 5.29 -2.25 1.49
CA ILE A 85 6.03 -3.45 1.23
C ILE A 85 7.22 -3.17 0.30
N TRP A 86 8.39 -3.72 0.64
CA TRP A 86 9.59 -3.46 -0.20
C TRP A 86 9.64 -4.24 -1.42
N THR A 87 10.28 -3.67 -2.44
CA THR A 87 10.42 -4.38 -3.69
C THR A 87 11.62 -3.72 -4.37
N VAL A 88 11.82 -4.05 -5.63
CA VAL A 88 12.90 -3.50 -6.48
C VAL A 88 12.24 -3.05 -7.77
N LYS A 89 12.63 -1.89 -8.28
CA LYS A 89 12.09 -1.37 -9.52
C LYS A 89 13.30 -0.93 -10.32
N SER A 90 13.18 -0.91 -11.65
CA SER A 90 14.18 -0.24 -12.51
C SER A 90 13.89 1.23 -12.61
N SER A 91 14.95 2.04 -12.58
CA SER A 91 14.83 3.50 -12.72
C SER A 91 15.99 4.05 -13.58
N SER A 92 15.66 4.47 -14.79
CA SER A 92 16.72 4.99 -15.67
C SER A 92 17.30 6.30 -15.09
N ILE A 93 16.50 7.06 -14.36
CA ILE A 93 17.05 8.23 -13.65
C ILE A 93 17.93 7.89 -12.42
N HIS A 94 18.09 6.61 -12.13
CA HIS A 94 19.03 6.17 -11.09
C HIS A 94 20.00 5.16 -11.65
N ARG A 95 20.06 5.13 -12.99
CA ARG A 95 20.80 4.15 -13.78
C ARG A 95 20.72 2.76 -13.27
N GLY A 96 19.51 2.27 -13.01
CA GLY A 96 19.38 0.84 -12.79
C GLY A 96 18.42 0.52 -11.65
N LEU A 97 18.61 -0.66 -11.08
CA LEU A 97 17.71 -1.15 -10.00
C LEU A 97 17.84 -0.36 -8.71
N VAL A 98 16.71 -0.15 -8.03
CA VAL A 98 16.68 0.54 -6.74
C VAL A 98 15.71 -0.26 -5.86
N VAL A 99 15.97 -0.26 -4.54
CA VAL A 99 14.94 -0.66 -3.58
C VAL A 99 13.84 0.36 -3.44
N THR A 100 12.57 -0.08 -3.38
CA THR A 100 11.48 0.91 -3.11
C THR A 100 10.41 0.28 -2.22
N THR A 101 9.49 1.12 -1.74
CA THR A 101 8.28 0.59 -1.13
C THR A 101 7.23 0.42 -2.25
N GLY A 102 5.99 0.08 -1.93
CA GLY A 102 4.93 0.03 -2.94
C GLY A 102 4.84 -1.34 -3.57
N GLY A 103 5.44 -2.33 -2.93
CA GLY A 103 5.37 -3.71 -3.46
C GLY A 103 4.07 -4.38 -3.04
N THR A 104 3.97 -5.68 -3.25
CA THR A 104 2.77 -6.45 -2.90
C THR A 104 3.26 -7.70 -2.19
N PHE A 105 2.60 -8.10 -1.09
CA PHE A 105 2.94 -9.34 -0.41
C PHE A 105 2.98 -10.54 -1.37
N ARG A 106 4.07 -11.32 -1.25
CA ARG A 106 4.19 -12.61 -1.93
C ARG A 106 4.26 -12.52 -3.45
N SER A 107 4.45 -11.31 -3.97
CA SER A 107 4.56 -11.16 -5.41
C SER A 107 5.93 -11.57 -5.94
N LEU A 108 6.01 -11.77 -7.25
CA LEU A 108 7.25 -12.11 -7.93
C LEU A 108 8.44 -11.25 -7.57
N GLY A 109 8.20 -9.95 -7.49
CA GLY A 109 9.26 -9.01 -7.26
C GLY A 109 9.56 -8.64 -5.81
N SER A 110 8.85 -9.25 -4.88
CA SER A 110 8.86 -8.84 -3.45
C SER A 110 9.84 -9.61 -2.57
N TRP A 111 10.53 -10.62 -3.11
CA TRP A 111 11.36 -11.56 -2.32
C TRP A 111 12.80 -11.12 -2.09
N PHE A 112 13.15 -10.99 -0.81
CA PHE A 112 14.51 -10.69 -0.37
C PHE A 112 14.93 -11.83 0.53
N ARG A 113 16.22 -11.88 0.84
CA ARG A 113 16.75 -12.89 1.79
C ARG A 113 17.79 -12.19 2.67
N ILE A 114 17.97 -12.72 3.89
CA ILE A 114 19.03 -12.26 4.78
C ILE A 114 20.09 -13.38 4.70
N GLU A 115 21.34 -13.00 4.43
CA GLU A 115 22.46 -13.95 4.32
C GLU A 115 23.57 -13.53 5.26
N ARG A 116 24.45 -14.46 5.61
CA ARG A 116 25.66 -14.09 6.39
C ARG A 116 26.63 -13.32 5.54
N HIS A 117 27.24 -12.28 6.11
CA HIS A 117 28.31 -11.54 5.43
C HIS A 117 29.42 -11.37 6.45
N GLY A 118 30.41 -12.26 6.40
CA GLY A 118 31.49 -12.23 7.39
C GLY A 118 30.91 -12.38 8.78
N ASP A 119 31.15 -11.39 9.62
CA ASP A 119 30.75 -11.45 11.00
C ASP A 119 29.35 -10.89 11.21
N SER A 120 28.76 -10.35 10.14
CA SER A 120 27.39 -9.89 10.26
C SER A 120 26.52 -10.40 9.10
N TYR A 121 25.69 -9.53 8.53
CA TYR A 121 24.68 -9.94 7.55
C TYR A 121 24.63 -9.01 6.35
N LYS A 122 23.86 -9.42 5.35
CA LYS A 122 23.55 -8.62 4.19
C LYS A 122 22.16 -9.01 3.75
N LEU A 123 21.51 -8.09 3.06
CA LEU A 123 20.26 -8.35 2.37
C LEU A 123 20.58 -8.57 0.90
N VAL A 124 19.91 -9.55 0.30
CA VAL A 124 19.93 -9.71 -1.13
C VAL A 124 18.48 -9.74 -1.68
N HIS A 125 18.33 -9.37 -2.93
CA HIS A 125 17.01 -9.43 -3.54
C HIS A 125 17.03 -10.57 -4.57
N CYS A 126 15.93 -11.31 -4.70
CA CYS A 126 15.87 -12.53 -5.52
C CYS A 126 14.71 -12.37 -6.52
N PRO A 127 15.02 -11.97 -7.76
CA PRO A 127 13.96 -11.77 -8.75
C PRO A 127 13.17 -13.09 -8.86
N ARG A 128 11.85 -13.00 -8.91
CA ARG A 128 10.92 -14.18 -8.93
C ARG A 128 10.98 -15.19 -7.76
N GLY A 129 11.64 -14.81 -6.69
CA GLY A 129 11.96 -15.66 -5.54
C GLY A 129 12.97 -16.78 -5.79
N SER A 130 13.76 -16.66 -6.86
CA SER A 130 14.84 -17.61 -7.08
C SER A 130 16.19 -16.94 -7.28
N THR A 131 17.25 -17.74 -7.14
CA THR A 131 18.60 -17.29 -7.47
C THR A 131 18.69 -17.12 -9.00
N PRO A 132 19.61 -16.26 -9.48
CA PRO A 132 20.61 -15.50 -8.70
C PRO A 132 19.96 -14.32 -7.97
N CYS A 133 20.44 -14.10 -6.75
CA CYS A 133 20.02 -12.97 -5.92
C CYS A 133 21.09 -11.92 -6.09
N ARG A 134 20.74 -10.64 -5.92
CA ARG A 134 21.74 -9.60 -6.02
C ARG A 134 21.84 -8.95 -4.66
N ASP A 135 23.06 -8.59 -4.27
CA ASP A 135 23.31 -7.89 -3.00
C ASP A 135 22.61 -6.52 -2.99
N VAL A 136 22.06 -6.16 -1.85
CA VAL A 136 21.61 -4.80 -1.63
C VAL A 136 22.75 -3.98 -1.00
N GLY A 137 23.03 -2.80 -1.58
CA GLY A 137 24.14 -1.98 -1.15
C GLY A 137 23.63 -0.56 -1.11
N ILE A 138 24.54 0.38 -0.93
CA ILE A 138 24.18 1.78 -0.87
C ILE A 138 24.63 2.42 -2.20
N GLU A 139 23.73 3.17 -2.86
CA GLU A 139 24.07 4.01 -4.03
C GLU A 139 23.82 5.49 -3.74
N THR A 140 24.18 6.35 -4.72
CA THR A 140 24.10 7.82 -4.55
C THR A 140 23.75 8.59 -5.84
N VAL A 141 24.04 7.94 -6.94
CA VAL A 141 23.78 8.46 -8.26
C VAL A 141 22.29 8.83 -8.41
N GLY A 142 22.03 10.08 -8.79
CA GLY A 142 20.66 10.54 -8.96
C GLY A 142 19.83 10.60 -7.67
N GLY A 143 20.48 10.51 -6.51
CA GLY A 143 19.81 10.66 -5.21
C GLY A 143 19.75 12.10 -4.70
N GLY A 144 20.15 13.05 -5.54
CA GLY A 144 20.10 14.45 -5.18
C GLY A 144 20.84 14.67 -3.88
N GLY A 145 21.97 13.96 -3.73
CA GLY A 145 22.81 14.04 -2.53
C GLY A 145 22.57 12.94 -1.51
N ARG A 146 21.42 12.26 -1.58
CA ARG A 146 21.08 11.31 -0.54
C ARG A 146 21.59 9.93 -0.95
N ARG A 147 21.81 9.08 0.03
CA ARG A 147 22.24 7.71 -0.20
C ARG A 147 21.03 6.80 -0.06
N TYR A 148 20.91 5.76 -0.89
CA TYR A 148 19.69 4.96 -0.87
C TYR A 148 20.07 3.54 -1.18
N LEU A 149 19.26 2.60 -0.70
CA LEU A 149 19.49 1.17 -0.95
C LEU A 149 19.24 0.78 -2.40
N ALA A 150 20.10 -0.07 -2.97
CA ALA A 150 19.93 -0.45 -4.37
C ALA A 150 20.67 -1.71 -4.58
N PRO A 151 20.13 -2.65 -5.38
CA PRO A 151 20.91 -3.81 -5.67
C PRO A 151 22.17 -3.39 -6.40
N ARG A 152 23.30 -4.00 -6.04
CA ARG A 152 24.56 -3.67 -6.65
C ARG A 152 25.57 -4.79 -6.40
N ASP A 153 26.77 -4.64 -6.95
CA ASP A 153 27.80 -5.70 -6.84
C ASP A 153 28.37 -5.88 -5.44
N ARG A 154 28.43 -4.80 -4.67
CA ARG A 154 29.03 -4.86 -3.34
C ARG A 154 27.89 -4.73 -2.33
N PRO A 155 27.81 -5.63 -1.36
CA PRO A 155 26.71 -5.52 -0.37
C PRO A 155 26.99 -4.48 0.68
N LEU A 156 25.92 -3.98 1.31
CA LEU A 156 26.06 -3.26 2.56
C LEU A 156 25.98 -4.29 3.70
N ALA A 157 27.04 -4.41 4.51
CA ALA A 157 26.99 -5.25 5.71
C ALA A 157 26.00 -4.60 6.69
N VAL A 158 25.02 -5.34 7.17
CA VAL A 158 24.04 -4.74 8.10
C VAL A 158 23.91 -5.51 9.42
N ARG A 159 23.33 -4.84 10.41
CA ARG A 159 22.98 -5.48 11.67
C ARG A 159 21.51 -5.11 11.93
N PHE A 160 20.89 -5.81 12.86
CA PHE A 160 19.47 -5.60 13.16
C PHE A 160 19.28 -5.31 14.63
N THR A 161 18.52 -4.26 14.93
CA THR A 161 18.19 -3.91 16.31
C THR A 161 16.68 -4.03 16.52
N ARG A 162 16.25 -4.91 17.42
CA ARG A 162 14.82 -4.92 17.77
C ARG A 162 14.27 -3.52 18.20
N ALA A 163 13.14 -3.11 17.63
CA ALA A 163 12.52 -1.82 17.95
C ALA A 163 11.66 -1.95 19.22
N SER A 164 11.90 -1.12 20.26
CA SER A 164 12.92 -0.02 20.36
C SER A 164 14.40 -0.38 20.07
N ALA B 1 -18.68 18.97 -11.32
CA ALA B 1 -17.43 18.44 -11.92
C ALA B 1 -16.58 17.83 -10.85
N ILE B 2 -16.21 16.56 -11.04
CA ILE B 2 -15.31 15.87 -10.11
C ILE B 2 -13.86 16.01 -10.60
N LEU B 3 -12.97 16.53 -9.73
CA LEU B 3 -11.60 16.84 -10.11
C LEU B 3 -10.67 15.70 -9.82
N THR B 4 -9.79 15.40 -10.77
CA THR B 4 -8.76 14.36 -10.67
C THR B 4 -7.78 14.74 -9.55
N GLY B 5 -7.44 13.79 -8.69
CA GLY B 5 -6.35 14.03 -7.76
C GLY B 5 -6.76 14.81 -6.53
N VAL B 6 -8.03 15.22 -6.46
CA VAL B 6 -8.56 16.01 -5.36
C VAL B 6 -9.40 15.12 -4.38
N PRO B 7 -9.21 15.31 -3.05
CA PRO B 7 -9.93 14.43 -2.12
C PRO B 7 -11.42 14.73 -1.94
N TYR B 8 -12.25 13.69 -2.05
CA TYR B 8 -13.70 13.83 -1.76
C TYR B 8 -14.18 12.78 -0.76
N TYR B 9 -15.22 13.11 -0.01
CA TYR B 9 -15.94 12.10 0.76
C TYR B 9 -17.05 11.54 -0.12
N ILE B 10 -17.19 10.23 -0.08
CA ILE B 10 -18.30 9.57 -0.72
C ILE B 10 -19.40 9.47 0.34
N LEU B 11 -20.56 10.05 0.09
CA LEU B 11 -21.69 9.96 1.04
C LEU B 11 -22.92 9.36 0.34
N PRO B 12 -23.75 8.59 1.08
CA PRO B 12 -25.06 8.24 0.49
C PRO B 12 -25.77 9.54 0.11
N SER B 13 -26.54 9.50 -0.96
CA SER B 13 -27.27 10.69 -1.42
C SER B 13 -28.19 11.31 -0.38
N THR B 14 -28.64 10.51 0.58
CA THR B 14 -29.66 10.98 1.49
C THR B 14 -29.27 10.88 2.96
N SER B 15 -28.00 10.59 3.23
CA SER B 15 -27.53 10.53 4.60
C SER B 15 -26.13 11.11 4.72
N ARG B 16 -25.70 11.32 5.97
CA ARG B 16 -24.37 11.86 6.24
C ARG B 16 -23.48 10.76 6.84
N ALA B 17 -23.96 9.53 6.74
CA ALA B 17 -23.20 8.34 7.19
C ALA B 17 -22.22 7.90 6.09
N GLY B 18 -20.99 8.38 6.21
CA GLY B 18 -19.93 8.06 5.26
C GLY B 18 -19.23 6.73 5.53
N PHE B 19 -18.02 6.62 4.97
CA PHE B 19 -17.34 5.31 4.84
C PHE B 19 -15.87 5.43 5.19
N SER B 20 -15.35 4.33 5.72
CA SER B 20 -13.94 4.24 6.10
C SER B 20 -13.44 2.82 5.86
N PRO B 21 -12.16 2.69 5.41
CA PRO B 21 -11.49 1.39 5.44
C PRO B 21 -11.53 0.87 6.86
N ASP B 22 -11.76 -0.43 7.03
CA ASP B 22 -11.84 -1.00 8.38
C ASP B 22 -10.61 -0.70 9.24
N ASN B 23 -9.43 -0.73 8.61
CA ASN B 23 -8.21 -0.60 9.40
C ASN B 23 -8.18 0.75 10.11
N LEU B 24 -8.76 1.75 9.45
CA LEU B 24 -8.82 3.09 10.04
C LEU B 24 -9.87 3.18 11.15
N ARG B 25 -10.93 2.38 11.04
CA ARG B 25 -11.89 2.33 12.16
C ARG B 25 -11.25 1.76 13.41
N LYS B 26 -10.51 0.64 13.27
CA LYS B 26 -9.83 -0.03 14.39
C LYS B 26 -8.72 0.81 14.99
N ASN B 27 -8.06 1.59 14.15
CA ASN B 27 -7.05 2.55 14.59
C ASN B 27 -5.88 1.90 15.34
N THR B 28 -5.56 0.65 15.01
CA THR B 28 -4.32 0.06 15.52
C THR B 28 -3.53 -0.70 14.46
N SER B 29 -2.22 -0.82 14.68
CA SER B 29 -1.32 -1.54 13.78
C SER B 29 -1.79 -2.97 13.54
N GLN B 30 -1.77 -3.36 12.28
CA GLN B 30 -2.15 -4.71 11.89
C GLN B 30 -0.98 -5.41 11.23
N PRO B 31 -0.78 -6.72 11.54
CA PRO B 31 0.25 -7.54 10.87
C PRO B 31 0.04 -7.66 9.36
N SER B 32 -1.22 -7.69 8.95
CA SER B 32 -1.61 -7.68 7.56
C SER B 32 -3.12 -7.48 7.50
N CYS B 33 -3.61 -7.18 6.31
CA CYS B 33 -5.02 -6.90 6.15
C CYS B 33 -5.52 -7.62 4.92
N PRO B 34 -5.72 -8.94 5.00
CA PRO B 34 -6.05 -9.70 3.79
C PRO B 34 -7.38 -9.26 3.14
N LEU B 35 -8.23 -8.58 3.91
CA LEU B 35 -9.57 -8.17 3.44
C LEU B 35 -10.02 -6.91 4.18
N ASP B 36 -9.44 -5.76 3.82
CA ASP B 36 -9.73 -4.48 4.46
C ASP B 36 -10.97 -3.84 3.79
N LEU B 37 -12.15 -4.11 4.36
CA LEU B 37 -13.45 -3.65 3.84
C LEU B 37 -13.64 -2.16 3.98
N ILE B 38 -14.54 -1.60 3.16
CA ILE B 38 -14.97 -0.24 3.34
C ILE B 38 -16.34 -0.27 4.03
N THR B 39 -16.37 0.17 5.27
CA THR B 39 -17.57 0.06 6.09
C THR B 39 -18.19 1.43 6.36
N GLN B 40 -19.49 1.41 6.54
CA GLN B 40 -20.24 2.64 6.79
C GLN B 40 -20.15 3.03 8.25
N LEU B 41 -20.00 4.34 8.50
CA LEU B 41 -19.95 4.91 9.84
C LEU B 41 -21.33 5.45 10.28
N ARG B 42 -22.01 4.69 11.13
CA ARG B 42 -23.46 4.88 11.33
C ARG B 42 -23.94 5.34 12.72
N PHE B 43 -23.13 5.14 13.75
CA PHE B 43 -23.55 5.45 15.13
C PHE B 43 -22.53 6.28 15.93
N PRO B 44 -22.64 7.62 15.86
CA PRO B 44 -23.58 8.37 15.00
C PRO B 44 -23.06 8.44 13.56
N PRO B 45 -23.88 8.95 12.63
CA PRO B 45 -23.37 9.12 11.26
C PRO B 45 -22.15 10.04 11.24
N ARG B 46 -21.05 9.59 10.62
CA ARG B 46 -19.82 10.36 10.57
C ARG B 46 -19.38 10.43 9.10
N ILE B 47 -18.74 11.55 8.73
CA ILE B 47 -18.37 11.85 7.32
C ILE B 47 -17.42 10.81 6.67
N GLY B 48 -16.56 10.23 7.48
CA GLY B 48 -15.73 9.13 7.03
C GLY B 48 -14.36 9.63 6.61
N VAL B 49 -13.74 8.92 5.66
CA VAL B 49 -12.37 9.23 5.24
C VAL B 49 -12.38 9.53 3.73
N PRO B 50 -11.67 10.58 3.26
CA PRO B 50 -11.81 10.85 1.83
C PRO B 50 -11.14 9.82 0.90
N VAL B 51 -11.52 9.91 -0.37
CA VAL B 51 -10.87 9.23 -1.46
C VAL B 51 -10.43 10.20 -2.57
N ILE B 52 -9.53 9.71 -3.41
CA ILE B 52 -9.06 10.42 -4.59
C ILE B 52 -9.32 9.56 -5.82
N PHE B 53 -9.87 10.19 -6.85
CA PHE B 53 -10.08 9.51 -8.15
C PHE B 53 -8.97 9.78 -9.16
N THR B 54 -8.50 8.69 -9.80
CA THR B 54 -7.49 8.81 -10.86
C THR B 54 -7.99 8.13 -12.13
N PRO B 55 -8.39 8.93 -13.14
CA PRO B 55 -8.92 8.40 -14.38
C PRO B 55 -7.84 7.55 -15.04
N GLN B 56 -8.27 6.50 -15.75
CA GLN B 56 -7.35 5.71 -16.57
C GLN B 56 -6.63 6.62 -17.55
N ASN B 57 -7.36 7.56 -18.11
CA ASN B 57 -6.77 8.55 -19.02
C ASN B 57 -6.03 9.58 -18.18
N SER B 58 -4.71 9.42 -18.12
CA SER B 58 -3.84 10.25 -17.30
C SER B 58 -3.91 11.71 -17.68
N SER B 59 -4.33 12.02 -18.90
CA SER B 59 -4.29 13.40 -19.37
C SER B 59 -5.42 14.30 -18.76
N LEU B 60 -6.39 13.69 -18.06
CA LEU B 60 -7.62 14.44 -17.69
C LEU B 60 -7.60 15.09 -16.32
N LYS B 61 -7.88 16.40 -16.29
CA LYS B 61 -8.03 17.18 -15.04
C LYS B 61 -9.41 17.00 -14.38
N VAL B 62 -10.42 16.72 -15.19
CA VAL B 62 -11.77 16.48 -14.69
C VAL B 62 -12.04 14.99 -14.85
N VAL B 63 -12.57 14.36 -13.81
CA VAL B 63 -12.91 12.93 -13.88
C VAL B 63 -14.12 12.76 -14.80
N PRO B 64 -13.98 11.96 -15.89
CA PRO B 64 -15.05 11.63 -16.82
C PRO B 64 -16.01 10.61 -16.16
N LEU B 65 -17.31 10.83 -16.37
CA LEU B 65 -18.34 9.91 -15.88
C LEU B 65 -18.30 8.76 -16.83
N SER B 66 -18.64 7.60 -16.31
CA SER B 66 -18.81 6.36 -17.09
C SER B 66 -17.50 5.97 -17.78
N HIS B 67 -16.37 6.33 -17.17
CA HIS B 67 -15.04 5.95 -17.66
C HIS B 67 -14.15 5.35 -16.57
N ASN B 68 -13.30 4.42 -16.94
CA ASN B 68 -12.44 3.69 -15.99
C ASN B 68 -11.64 4.68 -15.13
N LEU B 69 -11.60 4.42 -13.84
CA LEU B 69 -10.77 5.22 -12.93
C LEU B 69 -10.31 4.39 -11.75
N ASN B 70 -9.29 4.85 -11.06
CA ASN B 70 -8.90 4.17 -9.80
C ASN B 70 -9.37 4.96 -8.63
N ILE B 71 -9.54 4.29 -7.49
CA ILE B 71 -9.96 5.01 -6.30
C ILE B 71 -8.91 4.67 -5.22
N HIS B 72 -8.43 5.65 -4.49
CA HIS B 72 -7.64 5.32 -3.29
C HIS B 72 -8.01 6.17 -2.12
N THR B 73 -7.93 5.58 -0.92
CA THR B 73 -8.11 6.37 0.29
C THR B 73 -7.03 7.40 0.51
N SER B 75 -5.39 9.46 3.37
CA SER B 75 -5.25 9.37 4.83
C SER B 75 -3.77 9.33 5.16
N ASP B 76 -3.32 10.16 6.09
CA ASP B 76 -1.92 10.08 6.51
C ASP B 76 -1.69 8.94 7.49
N LEU B 77 -2.70 8.56 8.26
CA LEU B 77 -2.60 7.36 9.10
C LEU B 77 -2.96 6.17 8.23
N TRP B 78 -2.23 5.08 8.43
CA TRP B 78 -2.54 3.83 7.74
C TRP B 78 -1.94 2.67 8.54
N PHE B 79 -2.77 1.66 8.85
CA PHE B 79 -2.41 0.64 9.85
C PHE B 79 -2.22 -0.74 9.19
N CYS B 80 -2.28 -0.76 7.86
CA CYS B 80 -2.08 -1.99 7.07
C CYS B 80 -0.75 -1.86 6.37
N PRO B 81 -0.06 -2.99 6.15
CA PRO B 81 1.14 -2.90 5.28
C PRO B 81 0.78 -2.67 3.80
N GLU B 82 -0.43 -3.13 3.41
CA GLU B 82 -0.94 -3.09 2.01
C GLU B 82 -1.32 -1.67 1.61
N SER B 83 -1.54 -1.45 0.31
CA SER B 83 -1.87 -0.12 -0.21
C SER B 83 -3.23 0.45 0.19
N LYS B 84 -3.42 1.77 -0.07
CA LYS B 84 -4.72 2.49 0.12
C LYS B 84 -5.68 2.37 -1.05
N ILE B 85 -5.28 1.60 -2.07
CA ILE B 85 -5.93 1.62 -3.38
C ILE B 85 -7.09 0.61 -3.41
N TRP B 86 -8.24 1.04 -3.93
CA TRP B 86 -9.42 0.17 -3.86
C TRP B 86 -9.39 -0.92 -4.92
N THR B 87 -9.97 -2.04 -4.56
CA THR B 87 -10.10 -3.18 -5.46
C THR B 87 -11.30 -4.01 -5.01
N VAL B 88 -11.46 -5.18 -5.62
CA VAL B 88 -12.51 -6.11 -5.22
C VAL B 88 -11.89 -7.49 -4.98
N LYS B 89 -12.29 -8.14 -3.89
CA LYS B 89 -11.84 -9.50 -3.59
C LYS B 89 -13.02 -10.44 -3.33
N SER B 90 -12.82 -11.75 -3.59
CA SER B 90 -13.77 -12.79 -3.20
C SER B 90 -13.69 -13.10 -1.71
N SER B 91 -14.85 -13.27 -1.08
CA SER B 91 -14.90 -13.63 0.33
C SER B 91 -15.95 -14.70 0.60
N SER B 92 -15.57 -15.80 1.27
CA SER B 92 -16.55 -16.83 1.66
C SER B 92 -17.58 -16.29 2.64
N ILE B 93 -17.11 -15.72 3.74
CA ILE B 93 -18.04 -15.28 4.80
C ILE B 93 -19.00 -14.18 4.36
N HIS B 94 -18.58 -13.34 3.41
CA HIS B 94 -19.49 -12.33 2.82
C HIS B 94 -20.21 -12.84 1.56
N ARG B 95 -20.06 -14.16 1.29
CA ARG B 95 -20.74 -14.89 0.21
C ARG B 95 -20.58 -14.28 -1.20
N GLY B 96 -19.34 -13.90 -1.50
CA GLY B 96 -19.03 -13.27 -2.77
C GLY B 96 -18.10 -12.06 -2.70
N LEU B 97 -18.20 -11.23 -3.73
CA LEU B 97 -17.31 -10.09 -3.92
C LEU B 97 -17.55 -8.98 -2.89
N VAL B 98 -16.46 -8.32 -2.47
CA VAL B 98 -16.50 -7.14 -1.57
C VAL B 98 -15.43 -6.14 -2.07
N VAL B 99 -15.69 -4.86 -1.86
CA VAL B 99 -14.71 -3.82 -2.13
C VAL B 99 -13.70 -3.87 -0.97
N THR B 100 -12.43 -3.75 -1.30
CA THR B 100 -11.42 -3.69 -0.23
C THR B 100 -10.36 -2.71 -0.65
N THR B 101 -9.54 -2.25 0.30
CA THR B 101 -8.26 -1.66 -0.04
C THR B 101 -7.19 -2.71 -0.42
N GLY B 102 -5.94 -2.27 -0.53
CA GLY B 102 -4.79 -3.16 -0.73
C GLY B 102 -4.59 -3.49 -2.20
N GLY B 103 -5.25 -2.73 -3.08
CA GLY B 103 -5.04 -2.90 -4.51
C GLY B 103 -3.73 -2.37 -5.07
N THR B 104 -3.72 -2.26 -6.39
CA THR B 104 -2.52 -1.82 -7.13
C THR B 104 -2.98 -0.92 -8.24
N PHE B 105 -2.37 0.25 -8.37
CA PHE B 105 -2.78 1.19 -9.41
C PHE B 105 -2.73 0.49 -10.79
N ARG B 106 -3.79 0.71 -11.58
CA ARG B 106 -3.90 0.35 -12.98
C ARG B 106 -3.90 -1.14 -13.19
N SER B 107 -4.14 -1.92 -12.14
CA SER B 107 -4.21 -3.38 -12.34
C SER B 107 -5.55 -3.74 -12.97
N LEU B 108 -5.65 -4.97 -13.45
CA LEU B 108 -6.92 -5.46 -14.03
C LEU B 108 -8.14 -5.38 -13.10
N GLY B 109 -7.92 -5.63 -11.81
CA GLY B 109 -9.01 -5.57 -10.85
C GLY B 109 -9.25 -4.19 -10.22
N SER B 110 -8.50 -3.18 -10.63
CA SER B 110 -8.53 -1.84 -10.00
C SER B 110 -9.61 -0.90 -10.54
N TRP B 111 -10.34 -1.31 -11.57
CA TRP B 111 -11.16 -0.35 -12.28
C TRP B 111 -12.58 -0.12 -11.80
N PHE B 112 -12.91 1.10 -11.40
CA PHE B 112 -14.28 1.49 -11.10
C PHE B 112 -14.73 2.65 -12.02
N ARG B 113 -16.04 2.97 -12.01
CA ARG B 113 -16.56 4.16 -12.72
C ARG B 113 -17.58 4.89 -11.87
N ILE B 114 -17.72 6.18 -12.06
CA ILE B 114 -18.75 6.95 -11.44
C ILE B 114 -19.76 7.12 -12.57
N GLU B 115 -21.01 6.79 -12.29
CA GLU B 115 -22.10 6.95 -13.29
C GLU B 115 -23.29 7.69 -12.70
N ARG B 116 -23.98 8.51 -13.50
CA ARG B 116 -25.18 9.24 -12.97
C ARG B 116 -26.24 8.23 -12.60
N HIS B 117 -27.00 8.50 -11.55
CA HIS B 117 -28.05 7.57 -11.12
C HIS B 117 -29.09 8.46 -10.43
N GLY B 118 -30.27 8.55 -11.02
CA GLY B 118 -31.29 9.53 -10.61
C GLY B 118 -30.66 10.91 -10.62
N ASP B 119 -30.89 11.70 -9.58
CA ASP B 119 -30.18 12.98 -9.52
C ASP B 119 -28.82 12.94 -8.84
N SER B 120 -28.29 11.77 -8.64
CA SER B 120 -26.93 11.72 -8.12
C SER B 120 -26.11 10.67 -8.85
N TYR B 121 -25.33 9.89 -8.10
CA TYR B 121 -24.33 8.99 -8.73
C TYR B 121 -24.37 7.58 -8.18
N LYS B 122 -23.74 6.64 -8.90
CA LYS B 122 -23.42 5.32 -8.34
C LYS B 122 -21.96 5.00 -8.66
N LEU B 123 -21.36 4.10 -7.89
CA LEU B 123 -20.05 3.55 -8.27
C LEU B 123 -20.35 2.21 -8.88
N VAL B 124 -19.58 1.85 -9.89
CA VAL B 124 -19.65 0.49 -10.43
C VAL B 124 -18.24 -0.07 -10.44
N HIS B 125 -18.09 -1.38 -10.40
CA HIS B 125 -16.77 -1.92 -10.53
C HIS B 125 -16.74 -2.72 -11.81
N CYS B 126 -15.66 -2.56 -12.59
CA CYS B 126 -15.59 -3.13 -13.93
C CYS B 126 -14.45 -4.12 -14.10
N PRO B 127 -14.75 -5.44 -14.00
CA PRO B 127 -13.61 -6.33 -14.04
C PRO B 127 -12.87 -6.16 -15.35
N ARG B 128 -11.54 -6.27 -15.32
CA ARG B 128 -10.70 -6.08 -16.51
C ARG B 128 -10.83 -4.66 -17.13
N GLY B 129 -11.49 -3.72 -16.45
CA GLY B 129 -11.70 -2.41 -17.10
C GLY B 129 -12.69 -2.37 -18.27
N SER B 130 -13.57 -3.37 -18.35
CA SER B 130 -14.62 -3.33 -19.35
C SER B 130 -15.96 -3.84 -18.81
N THR B 131 -17.00 -3.63 -19.60
CA THR B 131 -18.31 -4.19 -19.32
C THR B 131 -18.30 -5.72 -19.51
N PRO B 132 -19.18 -6.44 -18.79
CA PRO B 132 -20.24 -5.85 -17.94
C PRO B 132 -19.72 -5.44 -16.58
N CYS B 133 -20.21 -4.32 -16.09
CA CYS B 133 -19.81 -3.83 -14.78
C CYS B 133 -20.80 -4.28 -13.71
N ARG B 134 -20.42 -4.17 -12.44
CA ARG B 134 -21.33 -4.46 -11.33
C ARG B 134 -21.52 -3.23 -10.45
N ASP B 135 -22.79 -2.91 -10.14
CA ASP B 135 -23.05 -1.79 -9.23
C ASP B 135 -22.39 -2.06 -7.87
N VAL B 136 -21.93 -1.00 -7.23
CA VAL B 136 -21.48 -1.06 -5.84
C VAL B 136 -22.63 -0.65 -4.96
N GLY B 137 -22.94 -1.53 -4.02
CA GLY B 137 -24.02 -1.29 -3.09
C GLY B 137 -23.58 -1.64 -1.67
N ILE B 138 -24.55 -1.62 -0.77
CA ILE B 138 -24.31 -1.99 0.59
C ILE B 138 -24.70 -3.45 0.80
N GLU B 139 -23.86 -4.22 1.49
CA GLU B 139 -24.16 -5.58 1.93
C GLU B 139 -23.98 -5.71 3.46
N THR B 140 -24.67 -6.71 4.03
CA THR B 140 -24.56 -7.03 5.46
C THR B 140 -24.15 -8.48 5.70
N VAL B 141 -24.44 -9.38 4.76
CA VAL B 141 -24.16 -10.80 4.94
C VAL B 141 -22.69 -11.09 5.32
N GLY B 142 -22.49 -11.75 6.47
CA GLY B 142 -21.16 -12.06 6.97
C GLY B 142 -20.46 -10.88 7.61
N GLY B 143 -21.17 -9.76 7.70
CA GLY B 143 -20.66 -8.50 8.29
C GLY B 143 -20.83 -8.41 9.81
N GLY B 144 -21.53 -9.38 10.40
CA GLY B 144 -21.67 -9.46 11.85
C GLY B 144 -22.28 -8.22 12.51
N GLY B 145 -23.08 -7.47 11.73
CA GLY B 145 -23.72 -6.24 12.20
C GLY B 145 -23.29 -4.96 11.47
N ARG B 146 -22.14 -5.00 10.80
CA ARG B 146 -21.69 -3.82 10.06
C ARG B 146 -22.17 -3.85 8.62
N ARG B 147 -22.16 -2.68 7.96
CA ARG B 147 -22.44 -2.61 6.52
C ARG B 147 -21.17 -2.27 5.74
N TYR B 148 -20.99 -2.96 4.64
CA TYR B 148 -19.75 -2.91 3.86
C TYR B 148 -20.13 -2.73 2.37
N LEU B 149 -19.28 -2.04 1.61
CA LEU B 149 -19.54 -1.82 0.20
C LEU B 149 -19.20 -3.11 -0.54
N ALA B 150 -20.03 -3.50 -1.50
CA ALA B 150 -19.77 -4.73 -2.28
C ALA B 150 -20.39 -4.61 -3.66
N PRO B 151 -19.75 -5.22 -4.67
CA PRO B 151 -20.56 -5.41 -5.86
C PRO B 151 -21.92 -6.07 -5.48
N ARG B 152 -22.99 -5.44 -5.93
CA ARG B 152 -24.32 -5.85 -5.58
C ARG B 152 -25.20 -5.81 -6.79
N ASP B 153 -26.40 -6.27 -6.51
CA ASP B 153 -27.56 -6.15 -7.31
C ASP B 153 -28.02 -4.66 -7.31
N ARG B 154 -28.24 -4.09 -6.14
CA ARG B 154 -28.84 -2.76 -6.04
C ARG B 154 -27.74 -1.72 -5.72
N PRO B 155 -27.57 -0.69 -6.59
CA PRO B 155 -26.53 0.32 -6.34
C PRO B 155 -26.86 1.15 -5.11
N LEU B 156 -25.84 1.55 -4.36
CA LEU B 156 -26.00 2.63 -3.40
C LEU B 156 -25.98 3.99 -4.14
N ALA B 157 -27.08 4.76 -4.09
CA ALA B 157 -27.01 6.13 -4.66
C ALA B 157 -26.03 6.96 -3.81
N VAL B 158 -25.03 7.59 -4.45
CA VAL B 158 -24.01 8.40 -3.71
C VAL B 158 -23.80 9.81 -4.27
N ARG B 159 -23.20 10.66 -3.44
CA ARG B 159 -22.75 11.96 -3.84
C ARG B 159 -21.31 12.14 -3.35
N PHE B 160 -20.64 13.15 -3.90
CA PHE B 160 -19.26 13.45 -3.53
C PHE B 160 -19.15 14.87 -3.01
N THR B 161 -18.47 15.03 -1.90
CA THR B 161 -18.27 16.34 -1.39
C THR B 161 -16.80 16.56 -1.03
N ARG B 162 -16.28 17.73 -1.38
CA ARG B 162 -14.85 17.96 -1.23
C ARG B 162 -14.39 17.94 0.23
N ALA B 163 -13.22 17.33 0.48
CA ALA B 163 -12.61 17.24 1.82
C ALA B 163 -11.55 18.33 1.93
N SER B 164 -11.18 18.83 3.12
CA SER B 164 -11.52 18.44 4.56
C SER B 164 -12.91 18.04 5.08
#